data_8FXT
#
_entry.id   8FXT
#
_cell.length_a   119.587
_cell.length_b   36.533
_cell.length_c   79.905
_cell.angle_alpha   90.000
_cell.angle_beta   124.130
_cell.angle_gamma   90.000
#
_symmetry.space_group_name_H-M   'C 1 2 1'
#
loop_
_entity.id
_entity.type
_entity.pdbx_description
1 polymer 'D-galactose/methyl-galactoside binding periplasmic protein MglB'
2 non-polymer 1-[6-(dimethylamino)naphthalen-2-yl]propan-1-one
3 non-polymer alpha-D-glucopyranose
4 non-polymer beta-D-glucopyranose
5 non-polymer 'CALCIUM ION'
6 water water
#
_entity_poly.entity_id   1
_entity_poly.type   'polypeptide(L)'
_entity_poly.pdbx_seq_one_letter_code
;ATRIGVTIYKYDDNFMSVVRKAIEQDAKAAPDVQLLMNDSQNDQSKQNDQIDVLLAKGVKALAINLVDPAAAGTVIEKAR
GQNVPVVFFNKEPSRKALDSYDKAYYVGTDSKESGIIQGDLIAKHWAANQGWDLNKDGQIQFVLLKGEPGHPDAEARTTY
VIKELNDKGIKTEQLQLDTAMCDTAQAKDKMDAWLSGPNANKIEVVIANNDAMAMGAVEALKAHNKSSIPVFGVDALPEA
LALVKSGALAGTVLNDANNQAKATFDLAKNLADGKGAADGTNWKIDNKVVRVPYVGVDKDNLAEF
;
_entity_poly.pdbx_strand_id   A
#
loop_
_chem_comp.id
_chem_comp.type
_chem_comp.name
_chem_comp.formula
BGC D-saccharide, beta linking beta-D-glucopyranose 'C6 H12 O6'
CA non-polymer 'CALCIUM ION' 'Ca 2'
GLC D-saccharide, alpha linking alpha-D-glucopyranose 'C6 H12 O6'
YDM non-polymer 1-[6-(dimethylamino)naphthalen-2-yl]propan-1-one 'C15 H17 N O'
#
# COMPACT_ATOMS: atom_id res chain seq x y z
N ALA A 1 -30.23 9.63 8.98
CA ALA A 1 -28.80 9.33 8.89
C ALA A 1 -28.54 8.24 7.85
N THR A 2 -27.53 8.49 7.04
CA THR A 2 -27.08 7.56 6.00
C THR A 2 -26.03 6.63 6.58
N ARG A 3 -26.30 5.32 6.60
CA ARG A 3 -25.29 4.41 7.13
C ARG A 3 -24.41 3.93 5.99
N ILE A 4 -23.09 4.00 6.17
CA ILE A 4 -22.12 3.46 5.19
C ILE A 4 -21.29 2.38 5.88
N GLY A 5 -21.24 1.20 5.28
CA GLY A 5 -20.52 0.06 5.88
C GLY A 5 -19.13 -0.02 5.28
N VAL A 6 -18.13 -0.26 6.12
CA VAL A 6 -16.73 -0.30 5.66
C VAL A 6 -16.10 -1.56 6.24
N THR A 7 -15.39 -2.35 5.42
CA THR A 7 -14.59 -3.45 5.96
C THR A 7 -13.13 -3.17 5.61
N ILE A 8 -12.26 -3.30 6.60
CA ILE A 8 -10.80 -3.18 6.44
C ILE A 8 -10.22 -4.58 6.53
N TYR A 9 -9.28 -4.93 5.63
CA TYR A 9 -8.95 -6.35 5.54
C TYR A 9 -8.25 -6.83 6.80
N LYS A 10 -7.48 -5.94 7.43
CA LYS A 10 -6.75 -6.23 8.66
C LYS A 10 -6.42 -4.91 9.31
N TYR A 11 -6.97 -4.67 10.50
CA TYR A 11 -6.84 -3.34 11.09
C TYR A 11 -5.41 -2.95 11.41
N ASP A 12 -4.53 -3.91 11.69
CA ASP A 12 -3.20 -3.49 12.08
C ASP A 12 -2.18 -3.58 10.95
N ASP A 13 -2.61 -3.78 9.71
CA ASP A 13 -1.75 -3.42 8.57
C ASP A 13 -1.34 -1.96 8.72
N ASN A 14 -0.03 -1.65 8.70
CA ASN A 14 0.38 -0.28 9.01
C ASN A 14 -0.25 0.73 8.08
N PHE A 15 -0.25 0.44 6.78
CA PHE A 15 -0.84 1.41 5.87
C PHE A 15 -2.35 1.51 6.05
N MET A 16 -3.03 0.37 6.16
CA MET A 16 -4.48 0.46 6.28
C MET A 16 -4.91 1.07 7.61
N SER A 17 -4.04 1.03 8.61
N SER A 17 -4.03 1.05 8.62
N SER A 17 -4.04 1.03 8.63
CA SER A 17 -4.32 1.76 9.85
CA SER A 17 -4.34 1.77 9.85
CA SER A 17 -4.32 1.78 9.86
C SER A 17 -4.38 3.27 9.61
C SER A 17 -4.38 3.28 9.61
C SER A 17 -4.40 3.27 9.57
N VAL A 18 -3.48 3.78 8.75
CA VAL A 18 -3.56 5.18 8.35
C VAL A 18 -4.84 5.45 7.56
N VAL A 19 -5.15 4.56 6.61
CA VAL A 19 -6.35 4.78 5.77
C VAL A 19 -7.62 4.77 6.60
N ARG A 20 -7.76 3.79 7.50
CA ARG A 20 -9.02 3.65 8.21
C ARG A 20 -9.23 4.82 9.15
N LYS A 21 -8.14 5.34 9.73
CA LYS A 21 -8.28 6.49 10.59
C LYS A 21 -8.67 7.73 9.81
N ALA A 22 -8.15 7.84 8.56
CA ALA A 22 -8.52 8.96 7.71
C ALA A 22 -9.97 8.86 7.26
N ILE A 23 -10.47 7.66 6.93
CA ILE A 23 -11.87 7.54 6.52
C ILE A 23 -12.76 7.94 7.69
N GLU A 24 -12.40 7.49 8.90
CA GLU A 24 -13.18 7.87 10.08
C GLU A 24 -13.25 9.38 10.23
N GLN A 25 -12.15 10.09 9.99
CA GLN A 25 -12.17 11.56 10.11
C GLN A 25 -13.07 12.18 9.04
N ASP A 26 -13.03 11.66 7.82
CA ASP A 26 -13.93 12.17 6.79
C ASP A 26 -15.38 11.96 7.16
N ALA A 27 -15.72 10.79 7.72
CA ALA A 27 -17.11 10.52 8.08
C ALA A 27 -17.55 11.39 9.25
N LYS A 28 -16.65 11.61 10.22
CA LYS A 28 -16.94 12.49 11.37
C LYS A 28 -17.30 13.88 10.91
N ALA A 29 -16.68 14.34 9.83
CA ALA A 29 -16.92 15.70 9.33
C ALA A 29 -18.27 15.83 8.67
N ALA A 30 -18.95 14.74 8.38
CA ALA A 30 -20.20 14.71 7.64
C ALA A 30 -21.32 14.41 8.61
N PRO A 31 -22.09 15.41 9.05
CA PRO A 31 -23.01 15.15 10.18
C PRO A 31 -24.13 14.18 9.84
N ASP A 32 -24.41 13.91 8.58
CA ASP A 32 -25.54 13.06 8.18
C ASP A 32 -25.13 11.60 7.94
N VAL A 33 -23.91 11.22 8.30
CA VAL A 33 -23.36 9.90 7.98
C VAL A 33 -23.09 9.15 9.28
N GLN A 34 -23.44 7.87 9.31
CA GLN A 34 -23.02 6.95 10.36
C GLN A 34 -22.14 5.91 9.69
N LEU A 35 -20.89 5.85 10.11
CA LEU A 35 -19.93 4.88 9.61
C LEU A 35 -20.02 3.59 10.44
N LEU A 36 -20.16 2.41 9.76
CA LEU A 36 -20.15 1.13 10.47
C LEU A 36 -18.91 0.39 9.96
N MET A 37 -17.88 0.36 10.81
N MET A 37 -17.82 0.37 10.72
CA MET A 37 -16.54 -0.12 10.50
CA MET A 37 -16.55 -0.12 10.18
C MET A 37 -16.37 -1.55 10.97
C MET A 37 -16.09 -1.35 10.95
N ASN A 38 -15.62 -2.34 10.21
CA ASN A 38 -15.24 -3.67 10.70
C ASN A 38 -13.81 -4.03 10.35
N ASP A 39 -13.20 -4.77 11.28
CA ASP A 39 -11.90 -5.45 11.08
C ASP A 39 -12.18 -6.87 10.62
N SER A 40 -11.77 -7.20 9.37
CA SER A 40 -11.97 -8.55 8.87
C SER A 40 -10.91 -9.51 9.37
N GLN A 41 -9.90 -9.05 10.14
CA GLN A 41 -8.93 -9.98 10.76
C GLN A 41 -8.26 -10.86 9.72
N ASN A 42 -8.00 -10.29 8.53
CA ASN A 42 -7.28 -10.98 7.44
C ASN A 42 -7.93 -12.33 7.06
N ASP A 43 -9.26 -12.42 7.12
CA ASP A 43 -9.99 -13.64 6.78
C ASP A 43 -11.17 -13.26 5.90
N GLN A 44 -11.16 -13.69 4.63
CA GLN A 44 -12.28 -13.32 3.77
C GLN A 44 -13.62 -13.88 4.23
N SER A 45 -13.64 -15.08 4.84
CA SER A 45 -14.90 -15.62 5.32
C SER A 45 -15.49 -14.74 6.40
N LYS A 46 -14.63 -14.20 7.29
CA LYS A 46 -15.12 -13.23 8.28
C LYS A 46 -15.66 -11.98 7.60
N GLN A 47 -14.94 -11.47 6.59
CA GLN A 47 -15.41 -10.31 5.87
C GLN A 47 -16.77 -10.57 5.20
N ASN A 48 -16.96 -11.75 4.61
CA ASN A 48 -18.24 -12.02 3.95
C ASN A 48 -19.38 -11.98 4.97
N ASP A 49 -19.16 -12.54 6.17
CA ASP A 49 -20.20 -12.47 7.19
C ASP A 49 -20.44 -11.04 7.63
N GLN A 50 -19.36 -10.24 7.72
CA GLN A 50 -19.53 -8.84 8.09
C GLN A 50 -20.40 -8.12 7.07
N ILE A 51 -20.19 -8.43 5.80
CA ILE A 51 -20.99 -7.77 4.78
C ILE A 51 -22.47 -8.15 4.87
N ASP A 52 -22.76 -9.43 5.17
CA ASP A 52 -24.17 -9.81 5.41
C ASP A 52 -24.77 -8.98 6.54
N VAL A 53 -24.00 -8.77 7.63
CA VAL A 53 -24.50 -7.98 8.75
C VAL A 53 -24.72 -6.51 8.35
N LEU A 54 -23.78 -5.93 7.60
CA LEU A 54 -23.96 -4.54 7.19
C LEU A 54 -25.21 -4.39 6.33
N LEU A 55 -25.43 -5.34 5.40
CA LEU A 55 -26.63 -5.29 4.58
C LEU A 55 -27.89 -5.46 5.42
N ALA A 56 -27.84 -6.34 6.44
CA ALA A 56 -28.99 -6.44 7.34
C ALA A 56 -29.26 -5.14 8.06
N LYS A 57 -28.22 -4.33 8.35
CA LYS A 57 -28.35 -3.04 9.01
C LYS A 57 -28.76 -1.93 8.06
N GLY A 58 -29.07 -2.27 6.82
CA GLY A 58 -29.58 -1.32 5.88
C GLY A 58 -28.58 -0.27 5.43
N VAL A 59 -27.28 -0.61 5.35
CA VAL A 59 -26.35 0.38 4.83
C VAL A 59 -26.76 0.75 3.40
N LYS A 60 -26.51 2.00 3.05
CA LYS A 60 -26.82 2.50 1.71
CA LYS A 60 -26.82 2.53 1.73
C LYS A 60 -25.64 2.45 0.77
N ALA A 61 -24.44 2.17 1.27
CA ALA A 61 -23.27 1.92 0.43
C ALA A 61 -22.29 1.11 1.24
N LEU A 62 -21.48 0.34 0.53
CA LEU A 62 -20.37 -0.41 1.13
C LEU A 62 -19.05 0.10 0.58
N ALA A 63 -18.03 0.26 1.43
CA ALA A 63 -16.65 0.48 1.01
C ALA A 63 -15.87 -0.73 1.50
N ILE A 64 -15.29 -1.51 0.59
CA ILE A 64 -14.79 -2.85 0.92
C ILE A 64 -13.29 -2.92 0.56
N ASN A 65 -12.46 -3.14 1.55
CA ASN A 65 -11.04 -3.44 1.35
C ASN A 65 -10.89 -4.96 1.46
N LEU A 66 -10.88 -5.67 0.31
CA LEU A 66 -10.95 -7.12 0.30
C LEU A 66 -9.76 -7.76 1.01
N VAL A 67 -10.04 -8.88 1.71
CA VAL A 67 -8.94 -9.74 2.13
C VAL A 67 -8.36 -10.47 0.92
N ASP A 68 -9.24 -11.10 0.14
CA ASP A 68 -8.89 -11.84 -1.08
C ASP A 68 -9.50 -11.11 -2.29
N PRO A 69 -8.67 -10.56 -3.17
CA PRO A 69 -9.25 -9.85 -4.32
C PRO A 69 -10.17 -10.71 -5.16
N ALA A 70 -9.99 -12.03 -5.16
CA ALA A 70 -10.85 -12.88 -5.96
C ALA A 70 -12.27 -12.97 -5.42
N ALA A 71 -12.52 -12.50 -4.19
CA ALA A 71 -13.84 -12.52 -3.60
C ALA A 71 -14.69 -11.35 -4.01
N ALA A 72 -14.19 -10.49 -4.89
CA ALA A 72 -15.04 -9.37 -5.35
C ALA A 72 -16.40 -9.83 -5.83
N GLY A 73 -16.45 -10.96 -6.57
CA GLY A 73 -17.72 -11.44 -7.07
C GLY A 73 -18.70 -11.82 -5.98
N THR A 74 -18.19 -12.49 -4.93
CA THR A 74 -19.02 -12.85 -3.79
C THR A 74 -19.63 -11.60 -3.16
N VAL A 75 -18.79 -10.57 -2.96
CA VAL A 75 -19.28 -9.34 -2.36
C VAL A 75 -20.31 -8.66 -3.24
N ILE A 76 -20.05 -8.60 -4.57
CA ILE A 76 -20.99 -7.97 -5.50
C ILE A 76 -22.33 -8.69 -5.49
N GLU A 77 -22.32 -10.01 -5.44
CA GLU A 77 -23.60 -10.73 -5.42
C GLU A 77 -24.42 -10.36 -4.18
N LYS A 78 -23.78 -10.21 -3.02
CA LYS A 78 -24.53 -9.81 -1.84
C LYS A 78 -25.08 -8.41 -2.03
N ALA A 79 -24.26 -7.49 -2.52
CA ALA A 79 -24.69 -6.10 -2.63
C ALA A 79 -25.80 -5.96 -3.69
N ARG A 80 -25.64 -6.68 -4.80
CA ARG A 80 -26.60 -6.57 -5.93
C ARG A 80 -28.02 -6.91 -5.47
N GLY A 81 -28.16 -7.89 -4.57
CA GLY A 81 -29.48 -8.31 -4.14
C GLY A 81 -30.23 -7.22 -3.40
N GLN A 82 -29.49 -6.29 -2.80
CA GLN A 82 -30.10 -5.19 -2.09
C GLN A 82 -29.95 -3.85 -2.83
N ASN A 83 -29.44 -3.90 -4.05
CA ASN A 83 -29.20 -2.71 -4.85
C ASN A 83 -28.25 -1.74 -4.17
N VAL A 84 -27.23 -2.26 -3.49
CA VAL A 84 -26.32 -1.43 -2.69
C VAL A 84 -25.03 -1.20 -3.47
N PRO A 85 -24.55 0.03 -3.63
CA PRO A 85 -23.29 0.25 -4.35
C PRO A 85 -22.08 -0.17 -3.51
N VAL A 86 -21.01 -0.55 -4.20
CA VAL A 86 -19.80 -1.04 -3.55
C VAL A 86 -18.61 -0.25 -4.10
N VAL A 87 -17.86 0.40 -3.21
CA VAL A 87 -16.60 1.03 -3.60
C VAL A 87 -15.49 0.14 -3.03
N PHE A 88 -14.86 -0.68 -3.88
CA PHE A 88 -13.69 -1.44 -3.42
C PHE A 88 -12.51 -0.50 -3.26
N PHE A 89 -11.62 -0.78 -2.31
CA PHE A 89 -10.44 0.09 -2.23
C PHE A 89 -9.22 -0.71 -1.77
N ASN A 90 -8.06 -0.28 -2.27
CA ASN A 90 -6.70 -0.70 -1.91
C ASN A 90 -6.30 -2.08 -2.41
N LYS A 91 -7.18 -3.08 -2.39
CA LYS A 91 -6.93 -4.38 -3.02
C LYS A 91 -7.79 -4.44 -4.26
N GLU A 92 -7.14 -4.44 -5.41
CA GLU A 92 -7.86 -4.17 -6.66
C GLU A 92 -8.57 -5.43 -7.21
N PRO A 93 -9.87 -5.40 -7.44
CA PRO A 93 -10.57 -6.54 -8.07
C PRO A 93 -10.25 -6.62 -9.57
N SER A 94 -10.64 -7.75 -10.16
CA SER A 94 -10.44 -7.88 -11.61
C SER A 94 -11.33 -6.90 -12.36
N ARG A 95 -10.90 -6.53 -13.57
CA ARG A 95 -11.75 -5.76 -14.49
C ARG A 95 -13.10 -6.44 -14.72
N LYS A 96 -13.09 -7.76 -14.93
CA LYS A 96 -14.35 -8.44 -15.17
C LYS A 96 -15.29 -8.32 -13.99
N ALA A 97 -14.73 -8.40 -12.75
CA ALA A 97 -15.60 -8.23 -11.60
C ALA A 97 -16.18 -6.82 -11.56
N LEU A 98 -15.33 -5.81 -11.73
CA LEU A 98 -15.84 -4.43 -11.73
C LEU A 98 -16.92 -4.23 -12.79
N ASP A 99 -16.70 -4.78 -13.99
CA ASP A 99 -17.68 -4.61 -15.07
C ASP A 99 -18.98 -5.37 -14.86
N SER A 100 -19.02 -6.30 -13.93
CA SER A 100 -20.18 -7.15 -13.77
C SER A 100 -21.31 -6.49 -12.99
N TYR A 101 -21.06 -5.31 -12.39
CA TYR A 101 -22.05 -4.68 -11.53
C TYR A 101 -21.98 -3.18 -11.81
N ASP A 102 -23.14 -2.58 -12.19
CA ASP A 102 -23.11 -1.19 -12.58
C ASP A 102 -22.81 -0.27 -11.39
N LYS A 103 -22.92 -0.75 -10.16
CA LYS A 103 -22.60 0.12 -9.03
C LYS A 103 -21.33 -0.33 -8.30
N ALA A 104 -20.40 -1.03 -8.98
CA ALA A 104 -19.08 -1.33 -8.43
C ALA A 104 -18.02 -0.34 -8.91
N TYR A 105 -17.18 0.15 -7.98
CA TYR A 105 -16.12 1.10 -8.29
C TYR A 105 -14.86 0.66 -7.56
N TYR A 106 -13.71 1.29 -7.87
CA TYR A 106 -12.46 0.99 -7.18
C TYR A 106 -11.67 2.25 -6.95
N VAL A 107 -11.09 2.39 -5.76
CA VAL A 107 -10.18 3.48 -5.42
C VAL A 107 -8.85 2.90 -4.99
N GLY A 108 -7.78 3.28 -5.66
CA GLY A 108 -6.45 2.81 -5.25
C GLY A 108 -5.37 3.62 -5.97
N THR A 109 -4.41 2.90 -6.54
CA THR A 109 -3.21 3.50 -7.12
C THR A 109 -2.88 2.77 -8.41
N ASP A 110 -1.96 3.36 -9.21
CA ASP A 110 -1.29 2.65 -10.30
C ASP A 110 -0.05 1.97 -9.71
N SER A 111 -0.17 0.67 -9.44
CA SER A 111 0.84 -0.02 -8.63
C SER A 111 2.25 0.13 -9.23
N LYS A 112 2.38 0.02 -10.56
CA LYS A 112 3.70 0.07 -11.17
C LYS A 112 4.39 1.42 -10.94
N GLU A 113 3.61 2.50 -10.81
CA GLU A 113 4.22 3.81 -10.59
C GLU A 113 5.08 3.80 -9.34
N SER A 114 4.63 3.15 -8.28
CA SER A 114 5.42 3.16 -7.05
C SER A 114 6.75 2.41 -7.24
N GLY A 115 6.75 1.31 -8.01
CA GLY A 115 8.03 0.64 -8.30
C GLY A 115 8.97 1.50 -9.12
N ILE A 116 8.44 2.16 -10.16
CA ILE A 116 9.25 3.07 -10.96
C ILE A 116 9.83 4.20 -10.09
N ILE A 117 8.97 4.85 -9.28
CA ILE A 117 9.47 5.92 -8.45
C ILE A 117 10.53 5.40 -7.50
N GLN A 118 10.32 4.20 -6.93
CA GLN A 118 11.33 3.70 -6.00
C GLN A 118 12.66 3.45 -6.69
N GLY A 119 12.62 2.91 -7.90
CA GLY A 119 13.85 2.69 -8.66
C GLY A 119 14.53 3.99 -9.01
N ASP A 120 13.77 4.98 -9.48
N ASP A 120 13.76 5.07 -9.20
CA ASP A 120 14.39 6.24 -9.82
CA ASP A 120 14.32 6.40 -9.44
C ASP A 120 15.03 6.89 -8.60
C ASP A 120 15.03 6.95 -8.20
N LEU A 121 14.40 6.70 -7.44
N LEU A 121 14.40 6.82 -7.03
CA LEU A 121 14.94 7.21 -6.18
CA LEU A 121 15.02 7.28 -5.80
C LEU A 121 16.26 6.53 -5.81
C LEU A 121 16.29 6.50 -5.53
N ILE A 122 16.27 5.19 -5.81
CA ILE A 122 17.50 4.43 -5.57
C ILE A 122 18.60 4.89 -6.52
N ALA A 123 18.28 5.08 -7.79
CA ALA A 123 19.28 5.55 -8.76
C ALA A 123 19.87 6.90 -8.37
N LYS A 124 19.02 7.83 -7.93
CA LYS A 124 19.49 9.15 -7.52
C LYS A 124 20.47 9.06 -6.36
N HIS A 125 20.12 8.25 -5.34
CA HIS A 125 20.95 8.17 -4.16
C HIS A 125 22.19 7.34 -4.40
N TRP A 126 22.10 6.32 -5.27
CA TRP A 126 23.27 5.53 -5.64
C TRP A 126 24.31 6.40 -6.32
N ALA A 127 23.86 7.24 -7.25
CA ALA A 127 24.78 8.17 -7.92
C ALA A 127 25.46 9.09 -6.92
N ALA A 128 24.74 9.53 -5.91
CA ALA A 128 25.26 10.47 -4.92
C ALA A 128 26.07 9.79 -3.82
N ASN A 129 26.08 8.44 -3.73
CA ASN A 129 26.74 7.78 -2.61
C ASN A 129 27.53 6.62 -3.19
N GLN A 130 28.59 6.90 -3.94
CA GLN A 130 29.28 5.77 -4.56
C GLN A 130 30.03 4.90 -3.55
N GLY A 131 30.23 5.35 -2.32
CA GLY A 131 30.72 4.46 -1.28
C GLY A 131 29.77 3.33 -0.95
N TRP A 132 28.52 3.40 -1.43
CA TRP A 132 27.61 2.27 -1.22
C TRP A 132 27.96 1.05 -2.07
N ASP A 133 28.73 1.25 -3.15
CA ASP A 133 29.16 0.16 -4.00
C ASP A 133 30.34 -0.52 -3.31
N LEU A 134 30.01 -1.35 -2.32
CA LEU A 134 31.03 -1.90 -1.42
C LEU A 134 32.07 -2.73 -2.16
N ASN A 135 31.67 -3.49 -3.19
CA ASN A 135 32.65 -4.30 -3.92
C ASN A 135 33.21 -3.57 -5.15
N LYS A 136 32.80 -2.33 -5.35
CA LYS A 136 33.40 -1.47 -6.39
C LYS A 136 33.20 -2.03 -7.80
N ASP A 137 32.11 -2.77 -8.05
CA ASP A 137 31.89 -3.39 -9.36
C ASP A 137 30.91 -2.63 -10.25
N GLY A 138 30.41 -1.49 -9.81
CA GLY A 138 29.44 -0.67 -10.54
C GLY A 138 28.03 -1.23 -10.59
N GLN A 139 27.77 -2.35 -9.89
CA GLN A 139 26.46 -3.00 -9.86
C GLN A 139 25.91 -2.89 -8.47
N ILE A 140 24.58 -2.79 -8.35
CA ILE A 140 23.95 -2.83 -7.02
C ILE A 140 23.67 -4.28 -6.61
N GLN A 141 24.38 -4.76 -5.60
CA GLN A 141 24.04 -6.03 -4.96
C GLN A 141 22.95 -5.76 -3.96
N PHE A 142 21.76 -6.29 -4.20
CA PHE A 142 20.63 -5.97 -3.35
C PHE A 142 19.97 -7.20 -2.74
N VAL A 143 19.17 -6.95 -1.70
CA VAL A 143 18.21 -7.94 -1.26
C VAL A 143 16.85 -7.28 -1.32
N LEU A 144 15.80 -8.09 -1.53
CA LEU A 144 14.46 -7.51 -1.67
C LEU A 144 13.42 -8.21 -0.80
N LEU A 145 12.70 -7.40 0.00
CA LEU A 145 11.63 -7.91 0.88
C LEU A 145 10.30 -7.67 0.17
N LYS A 146 9.65 -8.76 -0.26
CA LYS A 146 8.44 -8.67 -1.07
C LYS A 146 7.18 -8.75 -0.20
N GLY A 147 6.13 -8.08 -0.64
CA GLY A 147 4.80 -8.19 -0.03
C GLY A 147 4.13 -9.52 -0.27
N GLU A 148 2.80 -9.58 -0.01
CA GLU A 148 1.98 -10.78 -0.23
C GLU A 148 2.02 -11.19 -1.69
N PRO A 149 2.47 -12.40 -2.02
CA PRO A 149 2.52 -12.81 -3.43
C PRO A 149 1.12 -12.71 -4.08
N GLY A 150 1.10 -12.19 -5.30
CA GLY A 150 -0.14 -11.92 -5.99
C GLY A 150 -0.85 -10.61 -5.66
N HIS A 151 -0.51 -9.96 -4.56
CA HIS A 151 -1.03 -8.62 -4.33
C HIS A 151 -0.52 -7.73 -5.46
N PRO A 152 -1.39 -6.99 -6.14
CA PRO A 152 -0.93 -6.18 -7.27
C PRO A 152 0.22 -5.26 -6.92
N ASP A 153 0.19 -4.66 -5.73
CA ASP A 153 1.25 -3.73 -5.34
C ASP A 153 2.56 -4.44 -5.15
N ALA A 154 2.57 -5.60 -4.48
CA ALA A 154 3.82 -6.34 -4.30
C ALA A 154 4.41 -6.79 -5.63
N GLU A 155 3.57 -7.30 -6.54
CA GLU A 155 4.11 -7.81 -7.79
C GLU A 155 4.66 -6.68 -8.63
N ALA A 156 3.91 -5.59 -8.78
CA ALA A 156 4.39 -4.45 -9.57
C ALA A 156 5.63 -3.80 -8.94
N ARG A 157 5.65 -3.63 -7.61
CA ARG A 157 6.76 -2.94 -7.00
C ARG A 157 8.03 -3.75 -7.15
N THR A 158 7.91 -5.07 -7.05
CA THR A 158 9.08 -5.93 -7.15
C THR A 158 9.62 -5.93 -8.57
N THR A 159 8.72 -6.04 -9.55
CA THR A 159 9.16 -6.04 -10.95
C THR A 159 9.76 -4.72 -11.35
N TYR A 160 9.06 -3.61 -11.03
CA TYR A 160 9.42 -2.34 -11.66
C TYR A 160 10.53 -1.59 -10.95
N VAL A 161 10.82 -1.89 -9.68
CA VAL A 161 11.98 -1.21 -9.09
C VAL A 161 13.27 -1.65 -9.80
N ILE A 162 13.38 -2.93 -10.10
CA ILE A 162 14.55 -3.47 -10.79
C ILE A 162 14.54 -3.06 -12.25
N LYS A 163 13.39 -3.14 -12.91
CA LYS A 163 13.35 -2.73 -14.31
C LYS A 163 13.78 -1.28 -14.46
N GLU A 164 13.33 -0.42 -13.55
CA GLU A 164 13.67 0.98 -13.68
C GLU A 164 15.16 1.21 -13.49
N LEU A 165 15.76 0.55 -12.49
CA LEU A 165 17.21 0.67 -12.31
C LEU A 165 17.94 0.17 -13.54
N ASN A 166 17.55 -1.00 -14.04
CA ASN A 166 18.26 -1.55 -15.19
C ASN A 166 18.08 -0.67 -16.41
N ASP A 167 16.88 -0.09 -16.59
CA ASP A 167 16.63 0.73 -17.77
C ASP A 167 17.48 1.97 -17.76
N LYS A 168 17.81 2.47 -16.55
CA LYS A 168 18.71 3.61 -16.36
C LYS A 168 20.19 3.23 -16.49
N GLY A 169 20.50 1.99 -16.86
CA GLY A 169 21.89 1.58 -16.98
C GLY A 169 22.55 1.15 -15.70
N ILE A 170 21.79 0.88 -14.64
CA ILE A 170 22.37 0.38 -13.39
C ILE A 170 22.11 -1.10 -13.31
N LYS A 171 23.17 -1.91 -13.49
CA LYS A 171 23.02 -3.34 -13.34
C LYS A 171 22.84 -3.69 -11.88
N THR A 172 22.11 -4.77 -11.67
CA THR A 172 21.71 -5.17 -10.32
C THR A 172 21.95 -6.65 -10.18
N GLU A 173 22.30 -7.06 -8.95
CA GLU A 173 22.52 -8.48 -8.65
C GLU A 173 21.66 -8.84 -7.45
N GLN A 174 20.68 -9.71 -7.69
CA GLN A 174 19.76 -10.17 -6.62
C GLN A 174 20.46 -11.17 -5.74
N LEU A 175 20.82 -10.77 -4.52
CA LEU A 175 21.45 -11.72 -3.57
C LEU A 175 20.43 -12.54 -2.82
N GLN A 176 19.31 -11.93 -2.42
CA GLN A 176 18.23 -12.64 -1.72
C GLN A 176 16.93 -11.95 -2.12
N LEU A 177 15.84 -12.70 -2.13
CA LEU A 177 14.50 -12.14 -2.38
C LEU A 177 13.48 -13.06 -1.75
N ASP A 178 12.61 -12.51 -0.93
CA ASP A 178 11.62 -13.37 -0.28
C ASP A 178 10.50 -12.51 0.24
N THR A 179 9.34 -13.14 0.50
CA THR A 179 8.25 -12.37 1.08
C THR A 179 8.43 -12.24 2.59
N ALA A 180 8.02 -11.10 3.13
CA ALA A 180 7.86 -10.99 4.57
C ALA A 180 6.45 -10.48 4.85
N MET A 181 5.53 -10.67 3.88
CA MET A 181 4.10 -10.59 4.13
C MET A 181 3.68 -9.25 4.69
N CYS A 182 4.35 -8.19 4.26
CA CYS A 182 4.01 -6.82 4.60
C CYS A 182 4.17 -6.51 6.08
N ASP A 183 4.92 -7.33 6.85
CA ASP A 183 4.97 -7.27 8.31
C ASP A 183 6.37 -6.91 8.83
N THR A 184 6.45 -5.98 9.80
CA THR A 184 7.75 -5.55 10.36
C THR A 184 8.52 -6.70 11.01
N ALA A 185 7.89 -7.42 11.93
CA ALA A 185 8.64 -8.46 12.64
C ALA A 185 9.07 -9.60 11.70
N GLN A 186 8.24 -9.97 10.72
CA GLN A 186 8.67 -10.99 9.77
C GLN A 186 9.85 -10.50 8.93
N ALA A 187 9.85 -9.20 8.59
CA ALA A 187 10.95 -8.65 7.81
C ALA A 187 12.25 -8.58 8.62
N LYS A 188 12.17 -8.20 9.90
CA LYS A 188 13.34 -8.22 10.77
C LYS A 188 13.92 -9.63 10.83
N ASP A 189 13.04 -10.64 10.96
CA ASP A 189 13.52 -12.03 11.00
C ASP A 189 14.21 -12.41 9.69
N LYS A 190 13.61 -12.03 8.57
CA LYS A 190 14.17 -12.43 7.28
C LYS A 190 15.50 -11.71 7.04
N MET A 191 15.53 -10.41 7.32
CA MET A 191 16.77 -9.67 7.15
C MET A 191 17.87 -10.16 8.07
N ASP A 192 17.51 -10.46 9.33
CA ASP A 192 18.50 -11.03 10.24
C ASP A 192 19.05 -12.35 9.71
N ALA A 193 18.18 -13.20 9.14
CA ALA A 193 18.68 -14.45 8.53
C ALA A 193 19.70 -14.15 7.43
N TRP A 194 19.39 -13.19 6.56
CA TRP A 194 20.29 -12.88 5.47
C TRP A 194 21.61 -12.31 5.97
N LEU A 195 21.56 -11.48 7.02
CA LEU A 195 22.77 -10.97 7.63
C LEU A 195 23.55 -12.05 8.36
N SER A 196 22.95 -13.24 8.53
CA SER A 196 23.62 -14.38 9.16
C SER A 196 24.01 -15.45 8.14
N GLY A 197 23.85 -15.17 6.84
CA GLY A 197 24.13 -16.14 5.79
C GLY A 197 25.30 -15.67 4.95
N PRO A 198 25.63 -16.44 3.92
CA PRO A 198 26.91 -16.20 3.22
C PRO A 198 26.93 -14.97 2.36
N ASN A 199 25.77 -14.37 2.03
CA ASN A 199 25.80 -13.11 1.28
C ASN A 199 25.83 -11.87 2.17
N ALA A 200 25.91 -12.00 3.51
CA ALA A 200 25.77 -10.83 4.38
C ALA A 200 26.74 -9.71 3.98
N ASN A 201 28.01 -10.07 3.72
CA ASN A 201 29.04 -9.06 3.49
C ASN A 201 28.89 -8.40 2.14
N LYS A 202 28.09 -8.98 1.25
CA LYS A 202 27.93 -8.50 -0.11
C LYS A 202 26.74 -7.55 -0.27
N ILE A 203 25.80 -7.52 0.68
CA ILE A 203 24.60 -6.70 0.56
C ILE A 203 24.96 -5.22 0.54
N GLU A 204 24.51 -4.49 -0.49
CA GLU A 204 24.79 -3.07 -0.61
C GLU A 204 23.56 -2.22 -0.43
N VAL A 205 22.38 -2.72 -0.86
CA VAL A 205 21.12 -1.95 -0.74
C VAL A 205 20.02 -2.93 -0.35
N VAL A 206 19.14 -2.52 0.57
CA VAL A 206 17.93 -3.28 0.89
C VAL A 206 16.74 -2.57 0.27
N ILE A 207 15.96 -3.32 -0.52
CA ILE A 207 14.74 -2.81 -1.15
C ILE A 207 13.53 -3.50 -0.54
N ALA A 208 12.56 -2.73 -0.03
CA ALA A 208 11.35 -3.35 0.52
C ALA A 208 10.09 -2.86 -0.20
N ASN A 209 9.13 -3.76 -0.44
CA ASN A 209 7.90 -3.32 -1.09
C ASN A 209 7.05 -2.41 -0.22
N ASN A 210 7.28 -2.39 1.10
CA ASN A 210 6.54 -1.40 1.91
C ASN A 210 7.38 -0.98 3.11
N ASP A 211 6.91 0.09 3.75
CA ASP A 211 7.67 0.64 4.88
C ASP A 211 7.67 -0.27 6.09
N ALA A 212 6.57 -0.99 6.34
CA ALA A 212 6.56 -1.89 7.48
C ALA A 212 7.75 -2.85 7.39
N MET A 213 7.96 -3.39 6.20
CA MET A 213 9.07 -4.32 6.02
C MET A 213 10.41 -3.61 6.06
N ALA A 214 10.50 -2.44 5.42
CA ALA A 214 11.73 -1.66 5.51
C ALA A 214 12.14 -1.41 6.96
N MET A 215 11.17 -1.08 7.83
N MET A 215 11.15 -1.09 7.80
CA MET A 215 11.51 -0.79 9.21
CA MET A 215 11.42 -0.81 9.21
C MET A 215 12.01 -2.03 9.93
C MET A 215 12.00 -2.02 9.91
N GLY A 216 11.51 -3.22 9.60
CA GLY A 216 12.09 -4.43 10.15
C GLY A 216 13.53 -4.62 9.69
N ALA A 217 13.81 -4.35 8.42
CA ALA A 217 15.19 -4.49 7.95
C ALA A 217 16.11 -3.50 8.64
N VAL A 218 15.62 -2.27 8.89
CA VAL A 218 16.41 -1.26 9.60
C VAL A 218 16.80 -1.80 10.97
N GLU A 219 15.86 -2.46 11.64
CA GLU A 219 16.14 -2.98 12.98
C GLU A 219 17.17 -4.10 12.93
N ALA A 220 17.06 -4.99 11.96
CA ALA A 220 18.05 -6.06 11.84
C ALA A 220 19.43 -5.50 11.53
N LEU A 221 19.52 -4.50 10.65
CA LEU A 221 20.81 -3.91 10.33
C LEU A 221 21.44 -3.28 11.56
N LYS A 222 20.63 -2.57 12.36
CA LYS A 222 21.16 -1.98 13.60
C LYS A 222 21.72 -3.06 14.53
N ALA A 223 21.03 -4.18 14.64
CA ALA A 223 21.51 -5.25 15.50
C ALA A 223 22.83 -5.85 15.03
N HIS A 224 23.17 -5.77 13.74
CA HIS A 224 24.39 -6.30 13.17
C HIS A 224 25.45 -5.22 12.96
N ASN A 225 25.21 -4.01 13.45
CA ASN A 225 26.15 -2.90 13.30
C ASN A 225 26.44 -2.63 11.84
N LYS A 226 25.36 -2.68 11.03
CA LYS A 226 25.42 -2.44 9.60
C LYS A 226 24.41 -1.34 9.22
N SER A 227 24.22 -0.35 10.08
CA SER A 227 23.28 0.73 9.76
C SER A 227 23.76 1.62 8.62
N SER A 228 24.98 1.44 8.13
CA SER A 228 25.50 2.14 6.96
C SER A 228 24.89 1.63 5.66
N ILE A 229 24.20 0.48 5.71
CA ILE A 229 23.55 -0.10 4.52
C ILE A 229 22.22 0.60 4.32
N PRO A 230 21.97 1.23 3.18
CA PRO A 230 20.70 1.97 2.99
C PRO A 230 19.51 1.04 2.73
N VAL A 231 18.34 1.49 3.21
CA VAL A 231 17.08 0.78 3.06
C VAL A 231 16.08 1.69 2.36
N PHE A 232 15.32 1.12 1.43
CA PHE A 232 14.27 1.87 0.72
C PHE A 232 12.92 1.20 0.92
N GLY A 233 11.88 2.02 1.11
CA GLY A 233 10.52 1.49 1.34
C GLY A 233 9.50 2.11 0.41
N VAL A 234 8.24 1.79 0.70
CA VAL A 234 7.07 2.42 0.06
C VAL A 234 6.01 2.61 1.11
N ASP A 235 5.46 3.83 1.18
CA ASP A 235 4.20 4.23 1.84
C ASP A 235 4.35 5.62 2.42
N ALA A 236 5.53 5.98 2.90
CA ALA A 236 5.77 7.17 3.73
C ALA A 236 4.83 7.19 4.93
N LEU A 237 4.83 6.09 5.69
CA LEU A 237 4.11 6.06 6.94
C LEU A 237 4.63 7.16 7.85
N PRO A 238 3.79 7.75 8.69
CA PRO A 238 4.31 8.74 9.64
C PRO A 238 5.55 8.25 10.37
N GLU A 239 5.58 6.98 10.83
CA GLU A 239 6.76 6.47 11.52
C GLU A 239 7.97 6.33 10.59
N ALA A 240 7.75 6.08 9.31
CA ALA A 240 8.88 5.94 8.40
C ALA A 240 9.53 7.30 8.09
N LEU A 241 8.72 8.37 8.06
CA LEU A 241 9.27 9.70 7.83
C LEU A 241 10.31 10.04 8.89
N ALA A 242 10.08 9.63 10.13
CA ALA A 242 11.05 9.90 11.18
C ALA A 242 12.39 9.23 10.90
N LEU A 243 12.39 8.03 10.29
CA LEU A 243 13.64 7.38 9.93
C LEU A 243 14.29 8.00 8.71
N VAL A 244 13.51 8.59 7.79
CA VAL A 244 14.12 9.32 6.72
C VAL A 244 14.88 10.52 7.28
N LYS A 245 14.28 11.21 8.25
CA LYS A 245 14.95 12.32 8.90
C LYS A 245 16.26 11.88 9.52
N SER A 246 16.22 10.81 10.32
CA SER A 246 17.39 10.33 11.03
C SER A 246 18.42 9.71 10.11
N GLY A 247 18.06 9.45 8.85
CA GLY A 247 18.94 8.75 7.97
C GLY A 247 18.92 7.23 8.10
N ALA A 248 18.12 6.68 9.03
CA ALA A 248 17.98 5.21 9.12
C ALA A 248 17.30 4.63 7.88
N LEU A 249 16.40 5.38 7.22
CA LEU A 249 15.78 4.98 5.98
C LEU A 249 16.24 5.94 4.90
N ALA A 250 16.76 5.43 3.78
CA ALA A 250 17.31 6.28 2.74
C ALA A 250 16.24 6.91 1.89
N GLY A 251 15.08 6.27 1.75
CA GLY A 251 14.05 6.88 0.92
C GLY A 251 12.82 6.02 0.93
N THR A 252 11.69 6.66 0.63
CA THR A 252 10.44 5.91 0.53
C THR A 252 9.55 6.62 -0.49
N VAL A 253 8.31 6.18 -0.61
CA VAL A 253 7.42 6.68 -1.66
C VAL A 253 6.07 6.90 -0.98
N LEU A 254 5.53 8.13 -1.03
CA LEU A 254 4.22 8.39 -0.41
C LEU A 254 3.14 7.59 -1.12
N ASN A 255 2.47 6.73 -0.38
CA ASN A 255 1.23 6.12 -0.78
C ASN A 255 0.16 6.93 -0.07
N ASP A 256 -0.65 7.65 -0.84
CA ASP A 256 -1.39 8.80 -0.30
C ASP A 256 -2.68 8.32 0.36
N ALA A 257 -2.55 7.92 1.63
CA ALA A 257 -3.67 7.40 2.41
C ALA A 257 -4.78 8.41 2.56
N ASN A 258 -4.42 9.69 2.80
CA ASN A 258 -5.47 10.67 3.05
C ASN A 258 -6.35 10.88 1.83
N ASN A 259 -5.77 10.93 0.61
CA ASN A 259 -6.60 11.10 -0.57
C ASN A 259 -7.29 9.82 -0.98
N GLN A 260 -6.69 8.64 -0.75
CA GLN A 260 -7.43 7.40 -1.03
C GLN A 260 -8.63 7.26 -0.08
N ALA A 261 -8.47 7.62 1.19
CA ALA A 261 -9.59 7.62 2.14
C ALA A 261 -10.68 8.59 1.71
N LYS A 262 -10.28 9.80 1.28
CA LYS A 262 -11.24 10.84 0.91
C LYS A 262 -12.02 10.45 -0.34
N ALA A 263 -11.32 9.93 -1.36
CA ALA A 263 -12.03 9.49 -2.55
C ALA A 263 -12.96 8.33 -2.26
N THR A 264 -12.51 7.35 -1.45
CA THR A 264 -13.38 6.24 -1.09
C THR A 264 -14.64 6.76 -0.39
N PHE A 265 -14.47 7.66 0.59
CA PHE A 265 -15.62 8.20 1.29
C PHE A 265 -16.53 9.02 0.36
N ASP A 266 -15.92 9.87 -0.50
CA ASP A 266 -16.76 10.76 -1.31
C ASP A 266 -17.60 9.94 -2.27
N LEU A 267 -16.97 8.94 -2.90
CA LEU A 267 -17.70 8.13 -3.87
C LEU A 267 -18.79 7.30 -3.17
N ALA A 268 -18.47 6.73 -2.00
CA ALA A 268 -19.47 5.93 -1.29
C ALA A 268 -20.64 6.79 -0.83
N LYS A 269 -20.36 8.02 -0.38
CA LYS A 269 -21.46 8.89 0.07
C LYS A 269 -22.32 9.36 -1.09
N ASN A 270 -21.69 9.73 -2.22
CA ASN A 270 -22.48 10.07 -3.41
C ASN A 270 -23.34 8.90 -3.88
N LEU A 271 -22.77 7.70 -3.89
CA LEU A 271 -23.56 6.55 -4.35
C LEU A 271 -24.66 6.23 -3.34
N ALA A 272 -24.37 6.36 -2.03
CA ALA A 272 -25.44 6.14 -1.04
C ALA A 272 -26.60 7.09 -1.29
N ASP A 273 -26.27 8.31 -1.72
CA ASP A 273 -27.26 9.37 -1.94
C ASP A 273 -27.96 9.21 -3.28
N GLY A 274 -27.57 8.22 -4.11
CA GLY A 274 -28.17 8.07 -5.41
C GLY A 274 -27.66 9.00 -6.47
N LYS A 275 -26.54 9.67 -6.22
CA LYS A 275 -25.90 10.59 -7.13
C LYS A 275 -24.85 9.89 -7.97
N GLY A 276 -24.33 10.63 -8.97
CA GLY A 276 -23.17 10.14 -9.68
C GLY A 276 -21.97 10.08 -8.74
N ALA A 277 -21.13 9.08 -8.95
CA ALA A 277 -20.09 8.79 -7.97
C ALA A 277 -19.17 9.97 -7.67
N ALA A 278 -18.82 10.78 -8.70
CA ALA A 278 -17.90 11.89 -8.54
C ALA A 278 -18.60 13.25 -8.41
N ASP A 279 -19.91 13.27 -8.28
CA ASP A 279 -20.69 14.50 -8.25
C ASP A 279 -20.17 15.43 -7.15
N GLY A 280 -19.90 16.68 -7.53
CA GLY A 280 -19.45 17.65 -6.58
C GLY A 280 -17.99 17.53 -6.19
N THR A 281 -17.22 16.68 -6.85
CA THR A 281 -15.82 16.48 -6.50
C THR A 281 -14.97 16.69 -7.73
N ASN A 282 -13.65 16.70 -7.51
CA ASN A 282 -12.71 16.70 -8.62
C ASN A 282 -12.03 15.35 -8.82
N TRP A 283 -12.62 14.26 -8.28
CA TRP A 283 -12.03 12.96 -8.53
C TRP A 283 -12.19 12.57 -10.00
N LYS A 284 -11.11 12.07 -10.57
CA LYS A 284 -11.10 11.57 -11.93
C LYS A 284 -11.39 10.08 -11.91
N ILE A 285 -12.58 9.70 -12.35
CA ILE A 285 -12.98 8.30 -12.40
C ILE A 285 -12.80 7.86 -13.84
N ASP A 286 -11.92 6.89 -14.05
CA ASP A 286 -11.66 6.34 -15.38
C ASP A 286 -12.17 4.90 -15.38
N ASN A 287 -13.26 4.67 -16.11
CA ASN A 287 -13.89 3.35 -16.18
C ASN A 287 -14.04 2.76 -14.77
N LYS A 288 -14.65 3.57 -13.90
CA LYS A 288 -15.04 3.24 -12.54
C LYS A 288 -13.90 3.12 -11.57
N VAL A 289 -12.71 3.61 -11.91
CA VAL A 289 -11.50 3.52 -11.09
C VAL A 289 -10.91 4.90 -10.86
N VAL A 290 -10.55 5.19 -9.60
CA VAL A 290 -9.74 6.33 -9.23
C VAL A 290 -8.37 5.81 -8.83
N ARG A 291 -7.32 6.37 -9.40
CA ARG A 291 -5.95 6.07 -8.96
C ARG A 291 -5.27 7.34 -8.47
N VAL A 292 -4.79 7.29 -7.24
CA VAL A 292 -4.17 8.44 -6.58
C VAL A 292 -2.66 8.35 -6.74
N PRO A 293 -1.99 9.41 -7.17
CA PRO A 293 -0.55 9.31 -7.48
C PRO A 293 0.30 9.02 -6.25
N TYR A 294 1.38 8.29 -6.51
CA TYR A 294 2.48 8.18 -5.58
C TYR A 294 3.46 9.34 -5.76
N VAL A 295 4.27 9.61 -4.72
CA VAL A 295 5.31 10.66 -4.78
C VAL A 295 6.58 10.17 -4.07
N GLY A 296 7.75 10.31 -4.72
CA GLY A 296 9.01 9.93 -4.05
C GLY A 296 9.34 10.86 -2.89
N VAL A 297 9.87 10.29 -1.79
CA VAL A 297 10.20 11.04 -0.58
C VAL A 297 11.63 10.71 -0.13
N ASP A 298 12.46 11.74 0.06
CA ASP A 298 13.75 11.54 0.73
C ASP A 298 14.06 12.78 1.56
N LYS A 299 15.30 12.88 2.04
CA LYS A 299 15.68 14.03 2.85
C LYS A 299 15.47 15.35 2.12
N ASP A 300 15.57 15.37 0.78
CA ASP A 300 15.52 16.66 0.07
C ASP A 300 14.12 17.28 0.07
N ASN A 301 13.06 16.48 0.10
CA ASN A 301 11.71 17.02 0.08
C ASN A 301 10.91 16.62 1.30
N LEU A 302 11.59 16.17 2.37
CA LEU A 302 10.92 15.62 3.53
C LEU A 302 10.03 16.65 4.20
N ALA A 303 10.45 17.92 4.20
CA ALA A 303 9.71 18.98 4.86
C ALA A 303 8.32 19.18 4.28
N GLU A 304 8.10 18.75 3.03
CA GLU A 304 6.82 18.91 2.35
C GLU A 304 5.79 17.85 2.75
N PHE A 305 6.01 17.07 3.82
CA PHE A 305 5.12 15.97 4.18
C PHE A 305 4.80 16.04 5.67
C10 YDM B . -0.41 -13.21 6.88
C13 YDM B . -1.22 -15.57 7.21
C15 YDM B . 0.38 -10.96 6.56
C17 YDM B . -0.36 -9.61 4.65
C01 YDM B . 0.66 -6.65 1.86
C02 YDM B . -0.33 -7.00 2.96
C03 YDM B . -1.14 -8.26 2.61
C05 YDM B . -1.11 -9.52 3.48
C06 YDM B . -1.86 -10.60 3.05
C07 YDM B . -1.91 -11.78 3.78
C08 YDM B . -1.14 -11.89 4.97
C09 YDM B . -1.17 -13.10 5.71
C12 YDM B . 0.37 -14.53 8.86
C14 YDM B . 0.36 -12.13 7.31
C16 YDM B . -0.39 -10.83 5.38
N11 YDM B . -0.42 -14.44 7.65
O04 YDM B . -1.84 -8.27 1.66
C1 GLC C . -0.40 -1.29 -0.01
C2 GLC C . 0.56 -0.74 1.03
C3 GLC C . 1.03 -1.84 1.96
C4 GLC C . -0.18 -2.54 2.54
C5 GLC C . -1.10 -3.04 1.44
C6 GLC C . -2.35 -3.63 2.05
O1 GLC C . 0.25 -2.21 -0.86
O2 GLC C . 1.71 -0.18 0.37
O3 GLC C . 1.77 -1.28 3.04
O4 GLC C . 0.27 -3.65 3.32
O5 GLC C . -1.48 -1.95 0.64
O6 GLC C . -3.23 -4.10 1.03
C2 BGC D . -5.84 -10.19 15.93
C3 BGC D . -6.20 -9.77 14.51
C4 BGC D . -6.74 -8.34 14.48
C5 BGC D . -5.72 -7.43 15.14
C6 BGC D . -6.22 -6.02 15.25
C1 BGC D . -4.88 -9.17 16.53
O1 BGC D . -4.63 -9.44 17.89
O2 BGC D . -5.18 -11.44 15.92
O3 BGC D . -7.16 -10.66 13.97
O4 BGC D . -6.95 -7.93 13.13
O5 BGC D . -5.47 -7.89 16.49
O6 BGC D . -5.24 -5.12 15.74
C2 BGC E . 0.60 -0.81 1.01
C3 BGC E . 1.05 -1.86 2.00
C4 BGC E . -0.18 -2.55 2.55
C5 BGC E . -1.09 -3.07 1.46
C6 BGC E . -2.38 -3.61 2.05
C1 BGC E . -0.25 -1.52 -0.04
O1 BGC E . -0.58 -0.55 -1.02
O2 BGC E . 1.72 -0.18 0.39
O3 BGC E . 1.77 -1.25 3.06
O4 BGC E . 0.27 -3.66 3.34
O5 BGC E . -1.41 -1.99 0.60
O6 BGC E . -3.24 -4.10 1.03
C2 BGC F . 2.22 -4.76 14.01
C3 BGC F . 3.12 -4.20 12.91
C4 BGC F . 3.08 -5.09 11.66
C5 BGC F . 1.62 -5.27 11.25
C6 BGC F . 1.45 -6.11 10.01
C1 BGC F . 0.83 -5.13 13.51
O1 BGC F . 0.21 -5.84 14.54
O2 BGC F . 2.12 -3.83 15.09
O3 BGC F . 4.41 -4.17 13.47
O4 BGC F . 3.84 -4.60 10.55
O5 BGC F . 0.93 -5.94 12.32
O6 BGC F . 1.57 -7.50 10.31
C2 BGC G . 14.86 -11.86 15.42
C3 BGC G . 16.23 -11.47 15.96
C4 BGC G . 16.92 -12.68 16.56
C5 BGC G . 16.97 -13.84 15.58
C6 BGC G . 17.58 -15.08 16.22
C1 BGC G . 15.01 -13.05 14.49
O1 BGC G . 13.70 -13.48 14.15
O2 BGC G . 14.27 -10.76 14.70
O3 BGC G . 16.05 -10.49 16.97
O4 BGC G . 18.24 -12.32 16.94
O5 BGC G . 15.65 -14.14 15.15
O6 BGC G . 18.03 -16.02 15.21
C2 BGC H . 12.68 12.38 -8.10
C3 BGC H . 11.29 12.44 -7.47
C4 BGC H . 11.36 12.53 -5.95
C5 BGC H . 12.41 13.53 -5.47
C6 BGC H . 12.70 13.43 -3.98
C1 BGC H . 13.54 13.49 -7.55
O1 BGC H . 14.77 13.49 -8.21
O2 BGC H . 12.60 12.51 -9.51
O3 BGC H . 10.52 11.32 -7.86
O4 BGC H . 10.09 12.94 -5.45
O5 BGC H . 13.66 13.32 -6.14
O6 BGC H . 13.56 14.47 -3.52
CA CA I . 28.44 -3.54 -6.17
#